data_6UJ4
#
_entry.id   6UJ4
#
_cell.length_a   46.674
_cell.length_b   96.527
_cell.length_c   64.944
_cell.angle_alpha   90.000
_cell.angle_beta   90.000
_cell.angle_gamma   90.000
#
_symmetry.space_group_name_H-M   'P 1 21 1'
#
loop_
_entity.id
_entity.type
_entity.pdbx_description
1 polymer 'WD repeat domain 5'
2 non-polymer 5-bromo-3-chloro-N-(1-cyclopentyl-2-methyl-1H-imidazol-4-yl)-2-hydroxybenzene-1-sulfonamide
3 water water
#
_entity_poly.entity_id   1
_entity_poly.type   'polypeptide(L)'
_entity_poly.pdbx_seq_one_letter_code
;VKPNYALKFTLAGHTKAVSSVKFSPNGEWLASSSADKLIKIWGAYDGKFEKTISGHKLGISDVAWSSDSNLLVSASDDKT
LKIWDVSSGKCLKTLKGHSNYVFCCNFNPQSNLIVSGSFDESVRIWDVKTGKCLKTLPAHSDPVSAVHFNRDGSLIVSSS
YDGLCRIWDTASGQCLKTLIDDDNPPVSFVKFSPNGKYILAATLDNTLKLWDYSKGKCLKTYTGHKNEKYCIFANFSVTG
GKWIVSGSEDNLVYIWNLQTKEIVQKLQGHTDVVISTACHPTENIIASAALENDKTIKLWKSDC
;
_entity_poly.pdbx_strand_id   A,B
#
loop_
_chem_comp.id
_chem_comp.type
_chem_comp.name
_chem_comp.formula
Q8S non-polymer 5-bromo-3-chloro-N-(1-cyclopentyl-2-methyl-1H-imidazol-4-yl)-2-hydroxybenzene-1-sulfonamide 'C15 H17 Br Cl N3 O3 S'
#
# COMPACT_ATOMS: atom_id res chain seq x y z
N VAL A 1 -25.50 -15.63 4.99
CA VAL A 1 -25.67 -16.93 5.61
C VAL A 1 -24.88 -18.03 4.89
N LYS A 2 -25.20 -18.28 3.62
CA LYS A 2 -24.44 -19.26 2.85
C LYS A 2 -24.37 -18.74 1.43
N PRO A 3 -23.25 -18.92 0.74
CA PRO A 3 -23.16 -18.50 -0.65
C PRO A 3 -23.91 -19.51 -1.50
N ASN A 4 -24.06 -19.17 -2.78
CA ASN A 4 -24.73 -20.05 -3.73
C ASN A 4 -23.92 -20.16 -5.01
N TYR A 5 -22.63 -20.49 -4.86
CA TYR A 5 -21.76 -20.65 -6.03
C TYR A 5 -22.31 -21.70 -6.99
N ALA A 6 -22.28 -21.36 -8.27
CA ALA A 6 -22.81 -22.21 -9.32
C ALA A 6 -21.84 -22.16 -10.49
N LEU A 7 -21.65 -23.30 -11.15
CA LEU A 7 -20.69 -23.39 -12.24
C LEU A 7 -21.16 -22.55 -13.42
N LYS A 8 -20.29 -21.66 -13.91
CA LYS A 8 -20.61 -20.86 -15.06
C LYS A 8 -19.75 -21.17 -16.29
N PHE A 9 -18.47 -21.51 -16.12
CA PHE A 9 -17.62 -21.80 -17.27
C PHE A 9 -16.62 -22.88 -16.90
N THR A 10 -16.27 -23.70 -17.88
CA THR A 10 -15.16 -24.63 -17.76
C THR A 10 -14.14 -24.29 -18.84
N LEU A 11 -12.89 -24.12 -18.43
CA LEU A 11 -11.81 -23.65 -19.29
C LEU A 11 -10.87 -24.80 -19.59
N ALA A 12 -10.83 -25.23 -20.86
CA ALA A 12 -9.97 -26.32 -21.27
C ALA A 12 -8.83 -25.78 -22.12
N GLY A 13 -7.69 -26.47 -22.03
CA GLY A 13 -6.55 -26.10 -22.84
C GLY A 13 -5.22 -26.63 -22.32
N HIS A 14 -5.02 -26.62 -21.01
CA HIS A 14 -3.81 -27.23 -20.46
C HIS A 14 -3.81 -28.72 -20.76
N THR A 15 -2.61 -29.29 -20.91
CA THR A 15 -2.52 -30.70 -21.27
C THR A 15 -1.92 -31.56 -20.16
N LYS A 16 -1.59 -30.96 -19.02
CA LYS A 16 -1.17 -31.68 -17.82
C LYS A 16 -1.87 -30.99 -16.67
N ALA A 17 -1.60 -31.44 -15.44
CA ALA A 17 -2.23 -30.88 -14.26
C ALA A 17 -2.11 -29.36 -14.25
N VAL A 18 -3.16 -28.70 -13.85
CA VAL A 18 -3.04 -27.29 -13.53
C VAL A 18 -2.44 -27.22 -12.14
N SER A 19 -1.57 -26.22 -11.92
CA SER A 19 -0.90 -26.08 -10.63
C SER A 19 -1.34 -24.85 -9.83
N SER A 20 -1.75 -23.77 -10.50
CA SER A 20 -2.13 -22.55 -9.79
C SER A 20 -3.09 -21.77 -10.69
N VAL A 21 -4.04 -21.10 -10.07
CA VAL A 21 -4.84 -20.08 -10.75
C VAL A 21 -4.85 -18.83 -9.87
N LYS A 22 -4.82 -17.66 -10.54
CA LYS A 22 -4.75 -16.36 -9.84
C LYS A 22 -5.50 -15.33 -10.64
N PHE A 23 -6.38 -14.57 -10.00
CA PHE A 23 -7.02 -13.44 -10.65
C PHE A 23 -6.13 -12.20 -10.63
N SER A 24 -6.15 -11.44 -11.74
CA SER A 24 -5.39 -10.20 -11.74
C SER A 24 -6.00 -9.21 -10.75
N PRO A 25 -5.19 -8.35 -10.13
CA PRO A 25 -5.75 -7.37 -9.19
C PRO A 25 -6.82 -6.45 -9.80
N ASN A 26 -6.72 -6.13 -11.08
CA ASN A 26 -7.73 -5.30 -11.72
C ASN A 26 -8.98 -6.10 -12.10
N GLY A 27 -9.03 -7.39 -11.79
CA GLY A 27 -10.20 -8.22 -11.97
C GLY A 27 -10.40 -8.74 -13.36
N GLU A 28 -9.62 -8.30 -14.33
CA GLU A 28 -9.96 -8.58 -15.71
C GLU A 28 -9.60 -10.00 -16.12
N TRP A 29 -8.55 -10.55 -15.52
CA TRP A 29 -7.94 -11.77 -16.03
C TRP A 29 -7.84 -12.84 -14.95
N LEU A 30 -7.80 -14.08 -15.41
CA LEU A 30 -7.34 -15.23 -14.65
C LEU A 30 -6.07 -15.73 -15.31
N ALA A 31 -5.00 -15.94 -14.53
CA ALA A 31 -3.81 -16.63 -15.04
C ALA A 31 -3.77 -18.03 -14.46
N SER A 32 -3.37 -18.98 -15.28
CA SER A 32 -3.21 -20.37 -14.84
C SER A 32 -1.82 -20.84 -15.22
N SER A 33 -1.26 -21.69 -14.35
CA SER A 33 0.02 -22.34 -14.64
C SER A 33 -0.16 -23.83 -14.61
N SER A 34 0.74 -24.54 -15.30
CA SER A 34 0.54 -25.99 -15.41
C SER A 34 1.87 -26.73 -15.49
N ALA A 35 1.81 -28.01 -15.11
CA ALA A 35 2.89 -28.95 -15.37
C ALA A 35 3.19 -29.07 -16.86
N ASP A 36 2.30 -28.60 -17.74
CA ASP A 36 2.59 -28.58 -19.17
C ASP A 36 3.54 -27.47 -19.60
N LYS A 37 4.17 -26.74 -18.67
CA LYS A 37 5.19 -25.72 -18.90
C LYS A 37 4.59 -24.40 -19.36
N LEU A 38 3.27 -24.28 -19.36
CA LEU A 38 2.65 -23.10 -19.93
C LEU A 38 1.91 -22.28 -18.88
N ILE A 39 1.83 -20.97 -19.17
CA ILE A 39 0.88 -20.09 -18.52
C ILE A 39 -0.23 -19.76 -19.52
N LYS A 40 -1.47 -19.77 -19.07
CA LYS A 40 -2.57 -19.35 -19.94
C LYS A 40 -3.31 -18.20 -19.27
N ILE A 41 -3.78 -17.28 -20.09
CA ILE A 41 -4.49 -16.10 -19.64
C ILE A 41 -5.90 -16.21 -20.19
N TRP A 42 -6.89 -15.94 -19.32
CA TRP A 42 -8.30 -16.10 -19.58
C TRP A 42 -9.07 -14.90 -19.08
N GLY A 43 -10.17 -14.59 -19.74
CA GLY A 43 -11.04 -13.53 -19.23
C GLY A 43 -11.70 -13.98 -17.94
N ALA A 44 -11.65 -13.11 -16.94
CA ALA A 44 -12.14 -13.49 -15.60
C ALA A 44 -13.64 -13.69 -15.54
N TYR A 45 -14.41 -13.03 -16.41
CA TYR A 45 -15.86 -13.01 -16.29
C TYR A 45 -16.55 -13.95 -17.24
N ASP A 46 -15.93 -14.26 -18.40
CA ASP A 46 -16.52 -15.12 -19.41
C ASP A 46 -15.67 -16.33 -19.73
N GLY A 47 -14.54 -16.50 -19.06
CA GLY A 47 -13.67 -17.61 -19.35
C GLY A 47 -12.96 -17.57 -20.70
N LYS A 48 -13.01 -16.45 -21.42
CA LYS A 48 -12.50 -16.43 -22.79
C LYS A 48 -10.98 -16.60 -22.82
N PHE A 49 -10.51 -17.62 -23.56
CA PHE A 49 -9.07 -17.80 -23.71
C PHE A 49 -8.46 -16.59 -24.38
N GLU A 50 -7.40 -16.05 -23.77
CA GLU A 50 -6.70 -14.89 -24.30
C GLU A 50 -5.37 -15.26 -24.91
N LYS A 51 -4.51 -15.97 -24.18
CA LYS A 51 -3.21 -16.27 -24.78
C LYS A 51 -2.49 -17.32 -23.95
N THR A 52 -1.48 -17.91 -24.57
CA THR A 52 -0.55 -18.83 -23.93
C THR A 52 0.79 -18.13 -23.85
N ILE A 53 1.44 -18.22 -22.69
CA ILE A 53 2.74 -17.64 -22.42
C ILE A 53 3.70 -18.79 -22.16
N SER A 54 4.75 -18.88 -22.97
CA SER A 54 5.61 -20.06 -22.96
C SER A 54 7.07 -19.63 -22.88
N GLY A 55 7.91 -20.56 -22.41
CA GLY A 55 9.34 -20.32 -22.31
C GLY A 55 10.05 -21.15 -21.23
N HIS A 56 9.33 -21.53 -20.19
CA HIS A 56 9.92 -22.42 -19.21
C HIS A 56 10.23 -23.78 -19.84
N LYS A 57 11.30 -24.44 -19.34
CA LYS A 57 11.73 -25.70 -19.91
C LYS A 57 11.12 -26.91 -19.23
N LEU A 58 10.53 -26.71 -18.06
CA LEU A 58 9.86 -27.76 -17.29
C LEU A 58 8.59 -27.16 -16.70
N GLY A 59 7.82 -27.99 -15.99
CA GLY A 59 6.54 -27.56 -15.48
C GLY A 59 6.62 -26.39 -14.52
N ILE A 60 5.48 -25.74 -14.36
CA ILE A 60 5.36 -24.56 -13.52
C ILE A 60 4.46 -24.91 -12.35
N SER A 61 4.89 -24.53 -11.15
CA SER A 61 4.11 -24.77 -9.95
C SER A 61 3.27 -23.58 -9.50
N ASP A 62 3.62 -22.34 -9.90
CA ASP A 62 2.97 -21.16 -9.33
C ASP A 62 3.15 -20.00 -10.29
N VAL A 63 2.18 -19.07 -10.24
CA VAL A 63 2.25 -17.80 -10.94
C VAL A 63 1.65 -16.75 -10.02
N ALA A 64 2.09 -15.50 -10.20
CA ALA A 64 1.60 -14.41 -9.38
C ALA A 64 1.62 -13.12 -10.19
N TRP A 65 0.66 -12.25 -9.90
CA TRP A 65 0.50 -10.97 -10.59
C TRP A 65 1.18 -9.83 -9.85
N SER A 66 1.69 -8.86 -10.62
CA SER A 66 2.10 -7.60 -10.02
C SER A 66 0.87 -6.76 -9.65
N SER A 67 1.12 -5.77 -8.77
CA SER A 67 0.02 -4.95 -8.24
C SER A 67 -0.74 -4.21 -9.34
N ASP A 68 -0.07 -3.82 -10.42
CA ASP A 68 -0.70 -3.06 -11.47
C ASP A 68 -1.26 -3.94 -12.57
N SER A 69 -1.26 -5.27 -12.37
CA SER A 69 -1.81 -6.27 -13.29
C SER A 69 -1.05 -6.36 -14.60
N ASN A 70 0.10 -5.71 -14.70
CA ASN A 70 0.85 -5.75 -15.95
C ASN A 70 1.91 -6.84 -16.06
N LEU A 71 2.34 -7.38 -14.93
CA LEU A 71 3.37 -8.41 -14.94
C LEU A 71 2.94 -9.66 -14.21
N LEU A 72 3.60 -10.75 -14.58
CA LEU A 72 3.39 -12.04 -13.96
C LEU A 72 4.75 -12.61 -13.63
N VAL A 73 4.83 -13.38 -12.55
CA VAL A 73 6.06 -14.06 -12.19
C VAL A 73 5.68 -15.53 -12.09
N SER A 74 6.54 -16.41 -12.59
CA SER A 74 6.27 -17.84 -12.57
C SER A 74 7.42 -18.60 -11.93
N ALA A 75 7.08 -19.68 -11.23
CA ALA A 75 8.07 -20.53 -10.55
C ALA A 75 8.07 -21.90 -11.20
N SER A 76 9.25 -22.40 -11.61
CA SER A 76 9.30 -23.61 -12.43
C SER A 76 10.23 -24.68 -11.88
N ASP A 77 9.96 -25.92 -12.30
CA ASP A 77 10.85 -27.05 -12.04
C ASP A 77 12.19 -26.89 -12.76
N ASP A 78 12.30 -25.97 -13.72
CA ASP A 78 13.59 -25.72 -14.37
C ASP A 78 14.54 -24.89 -13.50
N LYS A 79 14.15 -24.61 -12.26
CA LYS A 79 14.94 -24.00 -11.20
C LYS A 79 14.94 -22.48 -11.35
N THR A 80 14.17 -21.94 -12.27
CA THR A 80 14.12 -20.50 -12.47
C THR A 80 12.73 -19.96 -12.15
N LEU A 81 12.72 -18.65 -11.91
CA LEU A 81 11.48 -17.90 -12.07
C LEU A 81 11.59 -17.04 -13.32
N LYS A 82 10.45 -16.71 -13.92
CA LYS A 82 10.47 -15.80 -15.05
C LYS A 82 9.50 -14.66 -14.78
N ILE A 83 9.90 -13.44 -15.16
CA ILE A 83 9.05 -12.26 -15.13
C ILE A 83 8.59 -12.02 -16.55
N TRP A 84 7.27 -11.87 -16.70
CA TRP A 84 6.59 -11.74 -17.99
C TRP A 84 5.81 -10.44 -18.09
N ASP A 85 5.90 -9.82 -19.27
CA ASP A 85 4.97 -8.76 -19.65
C ASP A 85 3.70 -9.40 -20.16
N VAL A 86 2.58 -9.20 -19.44
CA VAL A 86 1.36 -9.92 -19.80
C VAL A 86 0.84 -9.47 -21.17
N SER A 87 0.90 -8.17 -21.47
CA SER A 87 0.37 -7.67 -22.75
C SER A 87 1.08 -8.28 -23.95
N SER A 88 2.40 -8.43 -23.88
CA SER A 88 3.17 -8.95 -25.01
C SER A 88 3.48 -10.43 -24.93
N GLY A 89 3.33 -11.02 -23.75
CA GLY A 89 3.73 -12.39 -23.51
C GLY A 89 5.22 -12.61 -23.42
N LYS A 90 6.02 -11.53 -23.46
CA LYS A 90 7.47 -11.67 -23.48
C LYS A 90 8.04 -11.92 -22.09
N CYS A 91 9.03 -12.81 -22.04
CA CYS A 91 9.83 -12.95 -20.84
C CYS A 91 10.76 -11.74 -20.68
N LEU A 92 10.61 -11.02 -19.59
CA LEU A 92 11.46 -9.85 -19.34
C LEU A 92 12.72 -10.21 -18.61
N LYS A 93 12.62 -11.16 -17.67
CA LYS A 93 13.80 -11.53 -16.87
C LYS A 93 13.68 -12.99 -16.48
N THR A 94 14.83 -13.66 -16.37
CA THR A 94 14.90 -15.02 -15.85
C THR A 94 15.71 -14.96 -14.56
N LEU A 95 15.10 -15.40 -13.46
CA LEU A 95 15.67 -15.30 -12.12
C LEU A 95 16.32 -16.62 -11.78
N LYS A 96 17.66 -16.60 -11.74
CA LYS A 96 18.48 -17.77 -11.58
C LYS A 96 19.19 -17.73 -10.23
N GLY A 97 19.20 -18.88 -9.57
CA GLY A 97 19.90 -19.00 -8.30
C GLY A 97 19.46 -20.20 -7.49
N HIS A 98 18.17 -20.53 -7.51
CA HIS A 98 17.76 -21.76 -6.82
C HIS A 98 18.46 -22.96 -7.43
N SER A 99 18.71 -23.96 -6.58
CA SER A 99 19.42 -25.16 -7.00
C SER A 99 18.48 -26.35 -7.20
N ASN A 100 17.18 -26.14 -7.08
CA ASN A 100 16.19 -27.17 -7.34
C ASN A 100 14.88 -26.48 -7.71
N TYR A 101 13.82 -27.27 -7.83
CA TYR A 101 12.52 -26.77 -8.31
C TYR A 101 12.09 -25.55 -7.53
N VAL A 102 11.55 -24.55 -8.22
CA VAL A 102 10.96 -23.40 -7.51
C VAL A 102 9.47 -23.68 -7.42
N PHE A 103 8.92 -23.66 -6.20
CA PHE A 103 7.56 -24.12 -5.95
C PHE A 103 6.55 -22.98 -5.75
N CYS A 104 7.01 -21.79 -5.35
CA CYS A 104 6.06 -20.76 -4.96
C CYS A 104 6.66 -19.38 -5.14
N CYS A 105 5.80 -18.39 -5.37
CA CYS A 105 6.30 -17.07 -5.69
C CYS A 105 5.23 -16.00 -5.44
N ASN A 106 5.66 -14.75 -5.23
CA ASN A 106 4.73 -13.63 -5.05
C ASN A 106 5.50 -12.32 -5.20
N PHE A 107 4.81 -11.29 -5.71
CA PHE A 107 5.31 -9.93 -5.64
C PHE A 107 4.99 -9.30 -4.29
N ASN A 108 5.77 -8.30 -3.89
CA ASN A 108 5.35 -7.46 -2.78
C ASN A 108 4.34 -6.41 -3.28
N PRO A 109 3.65 -5.73 -2.37
CA PRO A 109 2.67 -4.71 -2.81
C PRO A 109 3.28 -3.64 -3.69
N GLN A 110 4.52 -3.25 -3.40
CA GLN A 110 5.22 -2.28 -4.24
C GLN A 110 5.52 -2.84 -5.62
N SER A 111 5.58 -4.18 -5.71
CA SER A 111 5.96 -4.94 -6.90
C SER A 111 7.37 -4.58 -7.41
N ASN A 112 8.26 -4.15 -6.50
CA ASN A 112 9.67 -4.03 -6.82
C ASN A 112 10.46 -5.26 -6.38
N LEU A 113 9.84 -6.16 -5.60
CA LEU A 113 10.49 -7.38 -5.15
C LEU A 113 9.63 -8.58 -5.48
N ILE A 114 10.30 -9.71 -5.71
CA ILE A 114 9.64 -11.02 -5.77
C ILE A 114 10.21 -11.89 -4.66
N VAL A 115 9.36 -12.66 -4.00
CA VAL A 115 9.82 -13.69 -3.07
C VAL A 115 9.53 -15.06 -3.67
N SER A 116 10.46 -16.00 -3.45
CA SER A 116 10.30 -17.35 -3.99
C SER A 116 10.69 -18.37 -2.93
N GLY A 117 10.09 -19.56 -3.04
CA GLY A 117 10.47 -20.69 -2.22
C GLY A 117 10.73 -21.88 -3.09
N SER A 118 11.61 -22.76 -2.61
CA SER A 118 12.12 -23.84 -3.47
C SER A 118 12.25 -25.16 -2.71
N PHE A 119 12.22 -26.26 -3.49
CA PHE A 119 12.65 -27.57 -3.01
C PHE A 119 14.06 -27.51 -2.41
N ASP A 120 14.86 -26.53 -2.78
CA ASP A 120 16.20 -26.41 -2.21
C ASP A 120 16.22 -25.88 -0.77
N GLU A 121 15.05 -25.61 -0.17
CA GLU A 121 14.83 -25.32 1.24
C GLU A 121 15.14 -23.87 1.55
N SER A 122 15.38 -23.05 0.54
CA SER A 122 15.65 -21.62 0.72
C SER A 122 14.44 -20.78 0.29
N VAL A 123 14.43 -19.56 0.82
CA VAL A 123 13.58 -18.48 0.31
C VAL A 123 14.51 -17.45 -0.30
N ARG A 124 14.20 -16.97 -1.51
CA ARG A 124 14.99 -15.92 -2.13
C ARG A 124 14.15 -14.67 -2.37
N ILE A 125 14.80 -13.52 -2.23
CA ILE A 125 14.19 -12.21 -2.48
C ILE A 125 14.93 -11.61 -3.66
N TRP A 126 14.17 -11.19 -4.68
CA TRP A 126 14.71 -10.79 -5.98
C TRP A 126 14.29 -9.37 -6.33
N ASP A 127 15.17 -8.66 -7.01
CA ASP A 127 14.86 -7.34 -7.54
C ASP A 127 14.19 -7.47 -8.90
N VAL A 128 13.00 -6.91 -9.01
CA VAL A 128 12.20 -7.07 -10.22
C VAL A 128 12.86 -6.38 -11.40
N LYS A 129 13.38 -5.18 -11.19
CA LYS A 129 13.95 -4.38 -12.28
C LYS A 129 15.20 -5.04 -12.87
N THR A 130 16.09 -5.53 -12.02
CA THR A 130 17.34 -6.10 -12.52
C THR A 130 17.28 -7.62 -12.70
N GLY A 131 16.33 -8.29 -12.06
CA GLY A 131 16.26 -9.74 -12.07
C GLY A 131 17.28 -10.41 -11.18
N LYS A 132 18.01 -9.66 -10.38
CA LYS A 132 19.08 -10.20 -9.54
C LYS A 132 18.55 -10.63 -8.18
N CYS A 133 19.18 -11.66 -7.62
CA CYS A 133 18.84 -12.11 -6.28
C CYS A 133 19.46 -11.15 -5.27
N LEU A 134 18.63 -10.59 -4.40
CA LEU A 134 19.11 -9.71 -3.34
C LEU A 134 19.46 -10.47 -2.07
N LYS A 135 18.65 -11.46 -1.69
CA LYS A 135 18.95 -12.19 -0.45
C LYS A 135 18.55 -13.65 -0.64
N THR A 136 19.32 -14.54 0.02
CA THR A 136 18.97 -15.95 0.13
C THR A 136 18.84 -16.29 1.61
N LEU A 137 17.66 -16.71 2.02
CA LEU A 137 17.34 -16.99 3.41
C LEU A 137 17.41 -18.48 3.58
N PRO A 138 18.24 -19.01 4.52
CA PRO A 138 18.26 -20.46 4.79
C PRO A 138 17.06 -20.81 5.66
N ALA A 139 15.89 -20.80 5.02
CA ALA A 139 14.65 -20.62 5.74
C ALA A 139 14.14 -21.88 6.41
N HIS A 140 14.39 -23.06 5.81
CA HIS A 140 13.71 -24.30 6.19
C HIS A 140 14.66 -25.47 6.00
N SER A 141 14.24 -26.63 6.49
CA SER A 141 15.05 -27.84 6.32
C SER A 141 14.32 -28.90 5.49
N ASP A 142 13.38 -28.46 4.68
CA ASP A 142 12.65 -29.29 3.73
C ASP A 142 12.05 -28.33 2.70
N PRO A 143 11.47 -28.83 1.62
CA PRO A 143 10.99 -27.91 0.59
C PRO A 143 10.04 -26.85 1.13
N VAL A 144 10.18 -25.64 0.58
CA VAL A 144 9.33 -24.50 0.95
C VAL A 144 8.06 -24.55 0.11
N SER A 145 6.91 -24.64 0.79
CA SER A 145 5.61 -24.82 0.15
C SER A 145 4.91 -23.50 -0.20
N ALA A 146 5.18 -22.40 0.49
CA ALA A 146 4.46 -21.16 0.19
C ALA A 146 5.30 -20.00 0.70
N VAL A 147 5.16 -18.83 0.05
CA VAL A 147 5.78 -17.57 0.47
C VAL A 147 4.80 -16.45 0.15
N HIS A 148 4.71 -15.45 1.03
CA HIS A 148 3.73 -14.38 0.84
C HIS A 148 4.18 -13.14 1.59
N PHE A 149 4.04 -11.97 0.95
CA PHE A 149 4.26 -10.69 1.65
C PHE A 149 3.00 -10.25 2.37
N ASN A 150 3.21 -9.51 3.46
CA ASN A 150 2.06 -8.88 4.11
C ASN A 150 1.69 -7.58 3.39
N ARG A 151 0.72 -6.87 3.96
CA ARG A 151 0.05 -5.82 3.21
C ARG A 151 0.91 -4.58 3.00
N ASP A 152 1.92 -4.32 3.84
CA ASP A 152 2.82 -3.20 3.58
C ASP A 152 4.17 -3.65 3.05
N GLY A 153 4.34 -4.97 2.82
CA GLY A 153 5.58 -5.46 2.27
C GLY A 153 6.70 -5.69 3.26
N SER A 154 6.52 -5.29 4.53
CA SER A 154 7.61 -5.37 5.49
C SER A 154 7.87 -6.77 5.99
N LEU A 155 6.93 -7.71 5.82
CA LEU A 155 7.09 -9.08 6.30
C LEU A 155 6.87 -10.07 5.18
N ILE A 156 7.54 -11.21 5.32
CA ILE A 156 7.31 -12.39 4.48
C ILE A 156 6.93 -13.54 5.40
N VAL A 157 5.89 -14.30 5.04
CA VAL A 157 5.63 -15.57 5.71
C VAL A 157 5.99 -16.72 4.78
N SER A 158 6.65 -17.73 5.34
CA SER A 158 7.00 -18.94 4.59
C SER A 158 6.53 -20.16 5.36
N SER A 159 6.27 -21.22 4.60
CA SER A 159 5.89 -22.51 5.17
C SER A 159 6.70 -23.62 4.52
N SER A 160 6.76 -24.75 5.21
CA SER A 160 7.59 -25.83 4.68
C SER A 160 7.05 -27.19 5.13
N TYR A 161 7.42 -28.22 4.35
CA TYR A 161 7.25 -29.61 4.78
C TYR A 161 8.03 -29.94 6.04
N ASP A 162 8.94 -29.05 6.48
CA ASP A 162 9.60 -29.33 7.75
C ASP A 162 8.69 -29.14 8.96
N GLY A 163 7.47 -28.63 8.75
CA GLY A 163 6.50 -28.44 9.81
C GLY A 163 6.45 -27.04 10.38
N LEU A 164 7.26 -26.12 9.86
CA LEU A 164 7.37 -24.77 10.38
C LEU A 164 6.68 -23.74 9.51
N CYS A 165 6.17 -22.71 10.18
CA CYS A 165 5.80 -21.46 9.53
C CYS A 165 6.69 -20.39 10.12
N ARG A 166 7.36 -19.62 9.29
CA ARG A 166 8.25 -18.57 9.79
C ARG A 166 7.86 -17.22 9.20
N ILE A 167 8.05 -16.18 10.01
CA ILE A 167 7.86 -14.81 9.57
C ILE A 167 9.22 -14.13 9.54
N TRP A 168 9.49 -13.47 8.42
CA TRP A 168 10.78 -12.88 8.06
C TRP A 168 10.62 -11.37 7.86
N ASP A 169 11.60 -10.64 8.36
CA ASP A 169 11.74 -9.23 8.07
C ASP A 169 12.28 -9.02 6.66
N THR A 170 11.50 -8.39 5.79
CA THR A 170 11.92 -8.27 4.39
C THR A 170 13.25 -7.56 4.28
N ALA A 171 13.40 -6.43 4.98
CA ALA A 171 14.54 -5.56 4.76
C ALA A 171 15.85 -6.24 5.14
N SER A 172 15.86 -6.99 6.24
CA SER A 172 17.10 -7.60 6.71
C SER A 172 17.20 -9.09 6.37
N GLY A 173 16.08 -9.73 6.02
CA GLY A 173 16.09 -11.16 5.83
C GLY A 173 16.07 -11.97 7.11
N GLN A 174 16.01 -11.34 8.28
CA GLN A 174 16.14 -12.08 9.52
C GLN A 174 14.79 -12.57 10.02
N CYS A 175 14.82 -13.67 10.76
CA CYS A 175 13.58 -14.26 11.24
C CYS A 175 12.99 -13.48 12.42
N LEU A 176 11.74 -13.06 12.28
CA LEU A 176 11.04 -12.40 13.37
C LEU A 176 10.37 -13.39 14.29
N LYS A 177 9.87 -14.50 13.75
CA LYS A 177 9.10 -15.42 14.57
C LYS A 177 9.01 -16.78 13.88
N THR A 178 9.00 -17.86 14.68
CA THR A 178 8.64 -19.20 14.20
C THR A 178 7.36 -19.69 14.86
N LEU A 179 6.50 -20.36 14.10
CA LEU A 179 5.40 -21.20 14.66
C LEU A 179 5.45 -22.71 14.26
N ASN A 184 4.32 -31.38 14.55
CA ASN A 184 4.67 -30.65 13.34
C ASN A 184 4.35 -31.47 12.07
N PRO A 185 3.07 -31.60 11.71
CA PRO A 185 2.75 -32.06 10.37
C PRO A 185 3.27 -31.07 9.34
N PRO A 186 3.56 -31.53 8.12
CA PRO A 186 4.03 -30.62 7.07
C PRO A 186 3.05 -29.47 6.89
N VAL A 187 3.59 -28.26 6.74
CA VAL A 187 2.78 -27.09 6.44
C VAL A 187 2.83 -26.87 4.94
N SER A 188 1.67 -27.02 4.27
CA SER A 188 1.59 -27.08 2.82
C SER A 188 1.20 -25.78 2.18
N PHE A 189 0.76 -24.79 2.97
CA PHE A 189 0.38 -23.49 2.43
C PHE A 189 0.28 -22.49 3.56
N VAL A 190 0.64 -21.24 3.27
CA VAL A 190 0.40 -20.16 4.21
C VAL A 190 0.19 -18.86 3.45
N LYS A 191 -0.56 -17.93 4.04
CA LYS A 191 -0.61 -16.55 3.56
C LYS A 191 -1.14 -15.63 4.65
N PHE A 192 -0.81 -14.35 4.52
CA PHE A 192 -1.36 -13.34 5.39
C PHE A 192 -2.80 -13.05 5.05
N SER A 193 -3.56 -12.70 6.08
CA SER A 193 -4.95 -12.30 5.94
C SER A 193 -5.03 -10.90 5.32
N PRO A 194 -6.20 -10.55 4.75
CA PRO A 194 -6.33 -9.24 4.11
C PRO A 194 -5.98 -8.08 5.03
N ASN A 195 -6.27 -8.19 6.32
CA ASN A 195 -5.98 -7.08 7.22
C ASN A 195 -4.58 -7.13 7.80
N GLY A 196 -3.78 -8.12 7.39
CA GLY A 196 -2.41 -8.25 7.81
C GLY A 196 -2.18 -8.81 9.20
N LYS A 197 -3.23 -9.05 9.99
CA LYS A 197 -3.03 -9.46 11.37
C LYS A 197 -2.96 -10.96 11.55
N TYR A 198 -3.47 -11.73 10.60
CA TYR A 198 -3.57 -13.17 10.75
C TYR A 198 -2.82 -13.87 9.65
N ILE A 199 -2.54 -15.14 9.88
CA ILE A 199 -1.93 -16.01 8.88
C ILE A 199 -2.81 -17.25 8.77
N LEU A 200 -3.15 -17.63 7.54
CA LEU A 200 -3.93 -18.83 7.28
C LEU A 200 -2.95 -19.91 6.85
N ALA A 201 -2.96 -21.06 7.54
CA ALA A 201 -1.99 -22.11 7.29
C ALA A 201 -2.70 -23.44 7.08
N ALA A 202 -2.30 -24.16 6.02
CA ALA A 202 -2.76 -25.52 5.78
C ALA A 202 -1.71 -26.50 6.24
N THR A 203 -2.14 -27.59 6.85
CA THR A 203 -1.22 -28.68 7.20
C THR A 203 -1.74 -29.97 6.60
N LEU A 204 -0.82 -30.90 6.28
CA LEU A 204 -1.18 -32.16 5.62
C LEU A 204 -1.78 -33.18 6.57
N ASP A 205 -2.65 -32.71 7.43
CA ASP A 205 -3.51 -33.52 8.27
C ASP A 205 -4.96 -33.06 8.14
N ASN A 206 -5.34 -32.63 6.93
CA ASN A 206 -6.72 -32.24 6.62
C ASN A 206 -7.18 -31.06 7.47
N THR A 207 -6.29 -30.10 7.73
CA THR A 207 -6.63 -28.99 8.61
C THR A 207 -6.14 -27.67 8.06
N LEU A 208 -7.02 -26.66 8.12
CA LEU A 208 -6.65 -25.25 7.96
C LEU A 208 -6.76 -24.55 9.31
N LYS A 209 -5.86 -23.61 9.58
CA LYS A 209 -5.91 -22.86 10.83
C LYS A 209 -5.65 -21.38 10.55
N LEU A 210 -6.36 -20.53 11.29
CA LEU A 210 -6.14 -19.08 11.27
C LEU A 210 -5.42 -18.71 12.56
N TRP A 211 -4.21 -18.15 12.42
CA TRP A 211 -3.32 -17.78 13.52
C TRP A 211 -3.26 -16.27 13.68
N ASP A 212 -3.31 -15.81 14.93
CA ASP A 212 -2.91 -14.44 15.24
C ASP A 212 -1.40 -14.46 15.32
N TYR A 213 -0.71 -13.84 14.37
CA TYR A 213 0.73 -14.08 14.39
C TYR A 213 1.42 -13.23 15.45
N SER A 214 0.89 -12.05 15.77
CA SER A 214 1.44 -11.25 16.86
C SER A 214 1.44 -12.02 18.17
N LYS A 215 0.28 -12.57 18.55
CA LYS A 215 0.14 -13.35 19.78
C LYS A 215 0.58 -14.81 19.61
N GLY A 216 0.75 -15.29 18.38
CA GLY A 216 1.16 -16.67 18.19
C GLY A 216 0.12 -17.67 18.61
N LYS A 217 -1.16 -17.35 18.44
CA LYS A 217 -2.26 -18.15 18.93
C LYS A 217 -3.17 -18.55 17.77
N CYS A 218 -3.64 -19.79 17.80
CA CYS A 218 -4.60 -20.25 16.80
C CYS A 218 -6.00 -19.77 17.17
N LEU A 219 -6.63 -19.04 16.26
CA LEU A 219 -7.95 -18.49 16.50
C LEU A 219 -9.06 -19.33 15.90
N LYS A 220 -8.80 -19.95 14.76
CA LYS A 220 -9.85 -20.74 14.10
C LYS A 220 -9.25 -21.96 13.45
N THR A 221 -10.03 -23.03 13.40
CA THR A 221 -9.65 -24.27 12.76
C THR A 221 -10.78 -24.70 11.82
N TYR A 222 -10.43 -25.08 10.60
CA TYR A 222 -11.38 -25.47 9.56
C TYR A 222 -11.03 -26.87 9.09
N THR A 223 -12.02 -27.76 9.10
CA THR A 223 -11.80 -29.15 8.73
C THR A 223 -12.99 -29.67 7.95
N GLY A 224 -12.89 -30.93 7.55
CA GLY A 224 -13.92 -31.63 6.82
C GLY A 224 -13.55 -31.95 5.39
N HIS A 225 -12.50 -31.31 4.88
CA HIS A 225 -11.96 -31.58 3.56
C HIS A 225 -10.85 -32.63 3.67
N LYS A 226 -10.24 -32.95 2.54
CA LYS A 226 -9.18 -33.95 2.48
C LYS A 226 -7.90 -33.31 1.95
N ASN A 227 -6.84 -33.32 2.76
CA ASN A 227 -5.57 -32.72 2.35
C ASN A 227 -4.46 -33.40 3.17
N GLU A 228 -3.89 -34.46 2.60
CA GLU A 228 -2.78 -35.17 3.21
C GLU A 228 -1.57 -35.27 2.31
N LYS A 229 -1.67 -34.82 1.06
CA LYS A 229 -0.60 -35.07 0.10
C LYS A 229 -0.14 -33.81 -0.60
N TYR A 230 -1.09 -33.04 -1.14
CA TYR A 230 -0.77 -31.97 -2.08
C TYR A 230 -0.71 -30.61 -1.39
N CYS A 231 0.09 -29.73 -1.95
CA CYS A 231 0.06 -28.34 -1.50
C CYS A 231 -1.11 -27.65 -2.21
N ILE A 232 -2.17 -27.43 -1.45
CA ILE A 232 -3.43 -26.91 -1.94
C ILE A 232 -3.57 -25.50 -1.38
N PHE A 233 -3.80 -24.54 -2.28
CA PHE A 233 -3.98 -23.15 -1.88
C PHE A 233 -5.23 -23.00 -1.02
N ALA A 234 -5.22 -22.00 -0.15
CA ALA A 234 -6.44 -21.58 0.52
C ALA A 234 -6.57 -20.07 0.36
N ASN A 235 -7.81 -19.58 0.47
CA ASN A 235 -8.12 -18.18 0.16
C ASN A 235 -9.07 -17.61 1.16
N PHE A 236 -8.96 -16.28 1.33
CA PHE A 236 -9.97 -15.44 1.98
C PHE A 236 -10.86 -14.87 0.88
N SER A 237 -12.18 -14.98 1.07
CA SER A 237 -13.16 -14.44 0.13
C SER A 237 -13.72 -13.18 0.77
N VAL A 238 -13.42 -12.02 0.15
CA VAL A 238 -13.60 -10.69 0.74
C VAL A 238 -14.65 -9.86 0.03
N THR A 239 -15.34 -10.41 -0.97
CA THR A 239 -16.26 -9.61 -1.78
C THR A 239 -17.68 -9.65 -1.26
N GLY A 240 -18.06 -10.76 -0.66
CA GLY A 240 -19.42 -11.00 -0.20
C GLY A 240 -19.36 -11.44 1.24
N GLY A 241 -19.94 -12.58 1.58
CA GLY A 241 -19.78 -13.11 2.92
C GLY A 241 -18.33 -13.46 3.20
N LYS A 242 -17.95 -13.44 4.48
CA LYS A 242 -16.56 -13.69 4.85
C LYS A 242 -16.31 -15.18 4.84
N TRP A 243 -15.68 -15.69 3.76
CA TRP A 243 -15.50 -17.13 3.63
C TRP A 243 -14.01 -17.49 3.58
N ILE A 244 -13.71 -18.73 3.98
CA ILE A 244 -12.45 -19.39 3.63
C ILE A 244 -12.75 -20.37 2.51
N VAL A 245 -11.86 -20.44 1.52
CA VAL A 245 -12.06 -21.30 0.34
C VAL A 245 -10.83 -22.15 0.11
N SER A 246 -11.03 -23.44 -0.17
CA SER A 246 -9.90 -24.32 -0.44
C SER A 246 -10.33 -25.45 -1.35
N GLY A 247 -9.42 -25.93 -2.18
CA GLY A 247 -9.61 -27.21 -2.82
C GLY A 247 -9.39 -28.38 -1.84
N SER A 248 -9.45 -29.58 -2.41
CA SER A 248 -9.50 -30.77 -1.59
C SER A 248 -9.19 -31.99 -2.45
N GLU A 249 -8.66 -33.00 -1.80
CA GLU A 249 -8.26 -34.23 -2.50
C GLU A 249 -9.43 -35.17 -2.77
N ASP A 250 -10.64 -34.84 -2.31
CA ASP A 250 -11.86 -35.54 -2.73
C ASP A 250 -12.55 -34.86 -3.91
N ASN A 251 -11.85 -33.98 -4.61
CA ASN A 251 -12.24 -33.38 -5.89
C ASN A 251 -13.25 -32.26 -5.69
N LEU A 252 -13.48 -31.79 -4.46
CA LEU A 252 -14.45 -30.73 -4.19
C LEU A 252 -13.77 -29.42 -3.81
N VAL A 253 -14.46 -28.30 -4.06
CA VAL A 253 -14.08 -27.02 -3.46
C VAL A 253 -14.87 -26.88 -2.17
N TYR A 254 -14.19 -26.59 -1.07
CA TYR A 254 -14.82 -26.37 0.23
C TYR A 254 -14.87 -24.87 0.53
N ILE A 255 -15.98 -24.45 1.11
CA ILE A 255 -16.16 -23.07 1.53
C ILE A 255 -16.67 -23.11 2.96
N TRP A 256 -15.96 -22.43 3.87
CA TRP A 256 -16.28 -22.31 5.29
C TRP A 256 -16.66 -20.86 5.64
N ASN A 257 -17.52 -20.72 6.64
CA ASN A 257 -17.75 -19.45 7.32
C ASN A 257 -16.52 -19.10 8.18
N LEU A 258 -15.89 -17.94 7.90
CA LEU A 258 -14.66 -17.52 8.59
C LEU A 258 -14.78 -17.60 10.11
N GLN A 259 -15.91 -17.15 10.65
CA GLN A 259 -16.06 -17.05 12.10
C GLN A 259 -16.60 -18.32 12.74
N THR A 260 -17.63 -18.96 12.16
CA THR A 260 -18.21 -20.14 12.79
C THR A 260 -17.47 -21.43 12.45
N LYS A 261 -16.60 -21.42 11.44
CA LYS A 261 -15.84 -22.58 10.95
C LYS A 261 -16.72 -23.66 10.34
N GLU A 262 -18.02 -23.40 10.16
CA GLU A 262 -18.93 -24.36 9.53
C GLU A 262 -18.73 -24.37 8.03
N ILE A 263 -18.78 -25.57 7.44
CA ILE A 263 -18.82 -25.64 5.98
C ILE A 263 -20.13 -25.07 5.49
N VAL A 264 -20.06 -24.07 4.60
CA VAL A 264 -21.26 -23.47 4.06
C VAL A 264 -21.54 -23.92 2.62
N GLN A 265 -20.55 -24.45 1.91
CA GLN A 265 -20.82 -24.97 0.58
C GLN A 265 -19.68 -25.88 0.14
N LYS A 266 -20.02 -26.91 -0.65
CA LYS A 266 -19.06 -27.75 -1.35
C LYS A 266 -19.41 -27.75 -2.84
N LEU A 267 -18.44 -27.44 -3.68
CA LEU A 267 -18.67 -27.31 -5.12
C LEU A 267 -18.19 -28.58 -5.81
N GLN A 268 -19.12 -29.24 -6.51
CA GLN A 268 -18.89 -30.51 -7.16
C GLN A 268 -18.80 -30.31 -8.67
N GLY A 269 -17.87 -31.00 -9.29
CA GLY A 269 -17.73 -30.95 -10.73
C GLY A 269 -16.38 -31.43 -11.21
N HIS A 270 -15.31 -31.12 -10.48
CA HIS A 270 -14.00 -31.57 -10.92
C HIS A 270 -13.90 -33.09 -10.80
N THR A 271 -13.00 -33.67 -11.58
CA THR A 271 -12.82 -35.13 -11.61
C THR A 271 -11.41 -35.51 -11.19
N ASP A 272 -10.71 -34.60 -10.50
CA ASP A 272 -9.44 -34.92 -9.89
C ASP A 272 -9.27 -33.92 -8.75
N VAL A 273 -8.19 -34.10 -7.99
CA VAL A 273 -7.85 -33.23 -6.86
C VAL A 273 -7.92 -31.78 -7.28
N VAL A 274 -8.64 -30.97 -6.49
CA VAL A 274 -8.69 -29.52 -6.72
C VAL A 274 -7.48 -28.94 -6.00
N ILE A 275 -6.39 -28.72 -6.74
CA ILE A 275 -5.15 -28.26 -6.15
C ILE A 275 -5.13 -26.75 -5.98
N SER A 276 -5.92 -26.01 -6.78
CA SER A 276 -5.83 -24.57 -6.61
C SER A 276 -7.18 -23.92 -6.74
N THR A 277 -7.37 -22.86 -5.97
CA THR A 277 -8.56 -22.02 -6.00
C THR A 277 -8.09 -20.58 -5.83
N ALA A 278 -8.87 -19.65 -6.38
CA ALA A 278 -8.65 -18.23 -6.25
C ALA A 278 -9.99 -17.54 -6.15
N CYS A 279 -10.01 -16.41 -5.45
CA CYS A 279 -11.22 -15.62 -5.24
C CYS A 279 -11.06 -14.29 -5.97
N HIS A 280 -12.07 -13.91 -6.72
CA HIS A 280 -11.98 -12.68 -7.49
C HIS A 280 -11.93 -11.44 -6.57
N PRO A 281 -11.21 -10.39 -6.98
CA PRO A 281 -11.02 -9.23 -6.07
C PRO A 281 -12.25 -8.38 -5.85
N THR A 282 -13.22 -8.35 -6.78
CA THR A 282 -14.40 -7.49 -6.61
C THR A 282 -15.73 -8.21 -6.78
N GLU A 283 -15.76 -9.30 -7.55
CA GLU A 283 -16.99 -10.08 -7.75
C GLU A 283 -16.92 -11.38 -6.96
N ASN A 284 -18.10 -11.91 -6.61
CA ASN A 284 -18.22 -13.20 -5.94
C ASN A 284 -18.01 -14.30 -6.99
N ILE A 285 -16.74 -14.50 -7.34
CA ILE A 285 -16.33 -15.50 -8.34
C ILE A 285 -15.17 -16.31 -7.78
N ILE A 286 -15.27 -17.63 -7.89
CA ILE A 286 -14.17 -18.53 -7.54
C ILE A 286 -13.67 -19.16 -8.82
N ALA A 287 -12.34 -19.24 -8.97
CA ALA A 287 -11.74 -20.13 -9.96
C ALA A 287 -11.15 -21.33 -9.24
N SER A 288 -11.35 -22.51 -9.83
CA SER A 288 -10.78 -23.75 -9.29
C SER A 288 -10.08 -24.51 -10.40
N ALA A 289 -9.10 -25.34 -10.03
CA ALA A 289 -8.36 -26.09 -11.04
C ALA A 289 -7.88 -27.39 -10.43
N ALA A 290 -7.75 -28.38 -11.31
CA ALA A 290 -7.57 -29.76 -10.88
C ALA A 290 -6.37 -30.43 -11.55
N LEU A 291 -6.00 -31.58 -10.98
CA LEU A 291 -4.85 -32.35 -11.43
C LEU A 291 -5.17 -33.08 -12.75
N GLU A 292 -4.24 -33.97 -13.16
CA GLU A 292 -4.13 -34.33 -14.57
C GLU A 292 -5.25 -35.24 -15.09
N ASN A 293 -6.08 -35.85 -14.23
CA ASN A 293 -7.24 -36.57 -14.77
C ASN A 293 -8.30 -35.60 -15.29
N ASP A 294 -8.24 -34.34 -14.88
CA ASP A 294 -9.23 -33.32 -15.18
C ASP A 294 -8.65 -32.24 -16.09
N LYS A 295 -7.62 -31.53 -15.62
CA LYS A 295 -6.86 -30.53 -16.38
C LYS A 295 -7.69 -29.31 -16.75
N THR A 296 -8.90 -29.13 -16.21
CA THR A 296 -9.69 -27.95 -16.51
C THR A 296 -9.70 -26.98 -15.33
N ILE A 297 -10.08 -25.76 -15.65
CA ILE A 297 -10.33 -24.71 -14.68
C ILE A 297 -11.82 -24.45 -14.73
N LYS A 298 -12.43 -24.22 -13.58
CA LYS A 298 -13.84 -23.91 -13.51
C LYS A 298 -14.06 -22.57 -12.84
N LEU A 299 -14.99 -21.79 -13.37
CA LEU A 299 -15.37 -20.51 -12.83
C LEU A 299 -16.76 -20.66 -12.25
N TRP A 300 -16.92 -20.26 -10.99
CA TRP A 300 -18.14 -20.41 -10.22
C TRP A 300 -18.56 -19.02 -9.75
N LYS A 301 -19.87 -18.71 -9.80
CA LYS A 301 -20.34 -17.39 -9.36
C LYS A 301 -21.47 -17.51 -8.35
N SER A 302 -21.48 -16.57 -7.40
CA SER A 302 -22.44 -16.54 -6.30
C SER A 302 -23.12 -15.19 -6.23
N ASP A 303 -24.31 -15.14 -5.62
CA ASP A 303 -24.96 -13.86 -5.37
C ASP A 303 -24.49 -13.18 -4.10
N CYS A 304 -23.76 -13.89 -3.24
CA CYS A 304 -23.27 -13.33 -1.98
C CYS A 304 -22.01 -14.05 -1.54
N LYS B 2 18.46 13.28 -13.38
CA LYS B 2 17.06 13.67 -13.44
C LYS B 2 16.15 12.48 -13.24
N PRO B 3 15.06 12.67 -12.52
CA PRO B 3 14.06 11.62 -12.37
C PRO B 3 13.24 11.47 -13.65
N ASN B 4 12.43 10.42 -13.69
CA ASN B 4 11.57 10.19 -14.84
C ASN B 4 10.17 9.76 -14.39
N TYR B 5 9.60 10.56 -13.49
CA TYR B 5 8.23 10.36 -13.02
C TYR B 5 7.26 10.29 -14.18
N ALA B 6 6.43 9.23 -14.20
CA ALA B 6 5.40 9.02 -15.20
C ALA B 6 4.11 8.64 -14.52
N LEU B 7 3.00 9.07 -15.10
CA LEU B 7 1.68 8.84 -14.50
C LEU B 7 1.37 7.36 -14.48
N LYS B 8 1.02 6.84 -13.30
CA LYS B 8 0.61 5.45 -13.18
C LYS B 8 -0.87 5.26 -12.84
N PHE B 9 -1.48 6.17 -12.06
CA PHE B 9 -2.88 6.00 -11.67
C PHE B 9 -3.53 7.37 -11.44
N THR B 10 -4.83 7.46 -11.73
CA THR B 10 -5.64 8.62 -11.38
C THR B 10 -6.77 8.16 -10.47
N LEU B 11 -6.89 8.82 -9.31
CA LEU B 11 -7.80 8.45 -8.23
C LEU B 11 -8.98 9.43 -8.19
N ALA B 12 -10.15 8.97 -8.56
CA ALA B 12 -11.35 9.82 -8.55
C ALA B 12 -12.26 9.45 -7.38
N GLY B 13 -12.99 10.45 -6.89
CA GLY B 13 -14.01 10.20 -5.89
C GLY B 13 -14.41 11.42 -5.09
N HIS B 14 -13.45 12.31 -4.85
CA HIS B 14 -13.83 13.56 -4.18
C HIS B 14 -14.71 14.41 -5.08
N THR B 15 -15.59 15.19 -4.46
CA THR B 15 -16.57 15.94 -5.24
C THR B 15 -16.36 17.44 -5.16
N LYS B 16 -15.35 17.88 -4.42
CA LYS B 16 -14.86 19.25 -4.43
C LYS B 16 -13.33 19.20 -4.43
N ALA B 17 -12.71 20.38 -4.40
CA ALA B 17 -11.25 20.48 -4.39
C ALA B 17 -10.62 19.53 -3.39
N VAL B 18 -9.57 18.85 -3.80
CA VAL B 18 -8.73 18.17 -2.84
C VAL B 18 -7.88 19.26 -2.20
N SER B 19 -7.58 19.11 -0.91
CA SER B 19 -6.76 20.10 -0.21
C SER B 19 -5.40 19.57 0.24
N SER B 20 -5.29 18.27 0.50
CA SER B 20 -4.05 17.71 1.00
C SER B 20 -3.99 16.24 0.65
N VAL B 21 -2.78 15.74 0.37
CA VAL B 21 -2.54 14.31 0.29
C VAL B 21 -1.29 14.01 1.09
N LYS B 22 -1.27 12.84 1.74
CA LYS B 22 -0.18 12.41 2.63
C LYS B 22 -0.04 10.90 2.54
N PHE B 23 1.20 10.42 2.35
CA PHE B 23 1.46 8.98 2.44
C PHE B 23 1.63 8.54 3.88
N SER B 24 1.12 7.37 4.22
CA SER B 24 1.36 6.86 5.56
C SER B 24 2.85 6.55 5.75
N PRO B 25 3.37 6.70 6.99
CA PRO B 25 4.80 6.40 7.23
C PRO B 25 5.18 4.97 6.89
N ASN B 26 4.26 4.01 7.01
CA ASN B 26 4.55 2.63 6.63
C ASN B 26 4.40 2.38 5.15
N GLY B 27 4.13 3.43 4.39
CA GLY B 27 4.12 3.37 2.93
C GLY B 27 2.89 2.75 2.31
N GLU B 28 1.95 2.23 3.10
CA GLU B 28 0.90 1.40 2.52
C GLU B 28 -0.24 2.23 1.93
N TRP B 29 -0.45 3.42 2.45
CA TRP B 29 -1.66 4.18 2.17
C TRP B 29 -1.34 5.60 1.74
N LEU B 30 -2.26 6.17 0.97
CA LEU B 30 -2.37 7.59 0.76
C LEU B 30 -3.68 8.07 1.40
N ALA B 31 -3.60 9.13 2.19
CA ALA B 31 -4.81 9.81 2.68
C ALA B 31 -4.98 11.12 1.93
N SER B 32 -6.22 11.40 1.54
CA SER B 32 -6.57 12.68 0.94
C SER B 32 -7.68 13.36 1.73
N SER B 33 -7.65 14.69 1.78
CA SER B 33 -8.72 15.47 2.40
C SER B 33 -9.28 16.40 1.37
N SER B 34 -10.52 16.87 1.60
CA SER B 34 -11.17 17.69 0.57
C SER B 34 -12.12 18.71 1.18
N ALA B 35 -12.36 19.76 0.39
CA ALA B 35 -13.47 20.68 0.64
C ALA B 35 -14.83 19.98 0.69
N ASP B 36 -14.94 18.72 0.21
CA ASP B 36 -16.20 17.98 0.29
C ASP B 36 -16.47 17.39 1.67
N LYS B 37 -15.65 17.73 2.67
CA LYS B 37 -15.81 17.34 4.09
C LYS B 37 -15.33 15.92 4.34
N LEU B 38 -14.71 15.29 3.36
CA LEU B 38 -14.34 13.88 3.49
C LEU B 38 -12.84 13.67 3.49
N ILE B 39 -12.43 12.60 4.16
CA ILE B 39 -11.10 12.02 4.01
C ILE B 39 -11.25 10.71 3.23
N LYS B 40 -10.35 10.46 2.29
CA LYS B 40 -10.37 9.18 1.57
C LYS B 40 -9.02 8.49 1.72
N ILE B 41 -9.06 7.16 1.79
CA ILE B 41 -7.88 6.33 1.96
C ILE B 41 -7.76 5.47 0.72
N TRP B 42 -6.53 5.39 0.20
CA TRP B 42 -6.19 4.77 -1.08
C TRP B 42 -4.91 3.94 -0.94
N GLY B 43 -4.83 2.83 -1.67
CA GLY B 43 -3.58 2.08 -1.69
C GLY B 43 -2.47 2.90 -2.36
N ALA B 44 -1.32 2.98 -1.70
CA ALA B 44 -0.24 3.84 -2.14
C ALA B 44 0.37 3.37 -3.44
N TYR B 45 0.32 2.06 -3.71
CA TYR B 45 1.06 1.50 -4.84
C TYR B 45 0.20 1.26 -6.05
N ASP B 46 -1.10 0.98 -5.86
CA ASP B 46 -2.06 0.74 -6.94
C ASP B 46 -3.23 1.72 -7.00
N GLY B 47 -3.26 2.73 -6.13
CA GLY B 47 -4.38 3.68 -6.07
C GLY B 47 -5.71 3.10 -5.66
N LYS B 48 -5.76 1.88 -5.13
CA LYS B 48 -7.05 1.24 -4.90
C LYS B 48 -7.83 1.96 -3.80
N PHE B 49 -9.04 2.41 -4.11
CA PHE B 49 -9.88 3.03 -3.09
C PHE B 49 -10.09 2.07 -1.93
N GLU B 50 -9.84 2.54 -0.71
CA GLU B 50 -10.06 1.76 0.48
C GLU B 50 -11.29 2.20 1.27
N LYS B 51 -11.38 3.50 1.62
CA LYS B 51 -12.55 3.88 2.43
C LYS B 51 -12.68 5.38 2.44
N THR B 52 -13.90 5.83 2.79
CA THR B 52 -14.21 7.23 3.07
C THR B 52 -14.40 7.37 4.57
N ILE B 53 -13.82 8.43 5.14
CA ILE B 53 -13.90 8.74 6.56
C ILE B 53 -14.63 10.07 6.68
N SER B 54 -15.75 10.08 7.42
CA SER B 54 -16.64 11.24 7.43
C SER B 54 -16.97 11.67 8.85
N GLY B 55 -17.31 12.95 8.99
CA GLY B 55 -17.81 13.46 10.25
C GLY B 55 -17.66 14.97 10.40
N HIS B 56 -16.65 15.55 9.75
CA HIS B 56 -16.58 17.01 9.74
C HIS B 56 -17.81 17.61 9.09
N LYS B 57 -18.21 18.78 9.59
CA LYS B 57 -19.40 19.47 9.11
C LYS B 57 -19.13 20.46 8.01
N LEU B 58 -17.88 20.83 7.79
CA LEU B 58 -17.46 21.72 6.72
C LEU B 58 -16.19 21.14 6.12
N GLY B 59 -15.67 21.82 5.09
CA GLY B 59 -14.51 21.32 4.36
C GLY B 59 -13.29 21.12 5.24
N ILE B 60 -12.37 20.31 4.73
CA ILE B 60 -11.14 19.96 5.41
C ILE B 60 -9.99 20.56 4.63
N SER B 61 -9.04 21.19 5.33
CA SER B 61 -7.86 21.76 4.68
C SER B 61 -6.61 20.88 4.75
N ASP B 62 -6.54 19.95 5.69
CA ASP B 62 -5.29 19.23 5.87
C ASP B 62 -5.61 17.96 6.62
N VAL B 63 -4.79 16.92 6.37
CA VAL B 63 -4.82 15.67 7.12
C VAL B 63 -3.37 15.25 7.36
N ALA B 64 -3.14 14.50 8.45
CA ALA B 64 -1.77 14.07 8.78
C ALA B 64 -1.83 12.74 9.52
N TRP B 65 -0.79 11.93 9.31
CA TRP B 65 -0.67 10.60 9.90
C TRP B 65 0.12 10.60 11.19
N SER B 66 -0.28 9.73 12.12
CA SER B 66 0.57 9.41 13.26
C SER B 66 1.77 8.56 12.81
N SER B 67 2.80 8.52 13.67
CA SER B 67 4.05 7.84 13.33
C SER B 67 3.87 6.35 13.07
N ASP B 68 2.89 5.71 13.72
CA ASP B 68 2.67 4.29 13.57
C ASP B 68 1.65 3.98 12.46
N SER B 69 1.22 4.97 11.68
CA SER B 69 0.28 4.83 10.56
C SER B 69 -1.12 4.40 10.96
N ASN B 70 -1.46 4.45 12.26
CA ASN B 70 -2.77 3.98 12.71
C ASN B 70 -3.79 5.10 12.89
N LEU B 71 -3.33 6.33 13.04
CA LEU B 71 -4.22 7.46 13.26
C LEU B 71 -4.01 8.56 12.25
N LEU B 72 -5.05 9.36 12.11
CA LEU B 72 -5.02 10.52 11.25
C LEU B 72 -5.59 11.66 12.06
N VAL B 73 -5.17 12.87 11.73
CA VAL B 73 -5.70 14.08 12.34
C VAL B 73 -6.10 14.96 11.16
N SER B 74 -7.24 15.61 11.26
CA SER B 74 -7.72 16.48 10.20
C SER B 74 -8.07 17.86 10.74
N ALA B 75 -7.89 18.88 9.90
CA ALA B 75 -8.14 20.28 10.25
C ALA B 75 -9.25 20.80 9.37
N SER B 76 -10.32 21.35 9.96
CA SER B 76 -11.51 21.68 9.18
C SER B 76 -11.97 23.13 9.37
N ASP B 77 -12.78 23.57 8.39
CA ASP B 77 -13.46 24.86 8.47
C ASP B 77 -14.55 24.87 9.53
N ASP B 78 -14.92 23.73 10.08
CA ASP B 78 -15.87 23.68 11.19
C ASP B 78 -15.22 24.05 12.52
N LYS B 79 -13.96 24.47 12.48
CA LYS B 79 -13.22 25.05 13.59
C LYS B 79 -12.66 23.96 14.50
N THR B 80 -12.81 22.70 14.13
CA THR B 80 -12.28 21.60 14.92
C THR B 80 -11.20 20.85 14.16
N LEU B 81 -10.41 20.11 14.95
CA LEU B 81 -9.66 19.00 14.39
C LEU B 81 -10.32 17.70 14.84
N LYS B 82 -10.11 16.63 14.09
CA LYS B 82 -10.60 15.33 14.52
C LYS B 82 -9.46 14.33 14.41
N ILE B 83 -9.40 13.44 15.39
CA ILE B 83 -8.46 12.33 15.40
C ILE B 83 -9.24 11.09 15.07
N TRP B 84 -8.75 10.32 14.09
CA TRP B 84 -9.45 9.19 13.49
C TRP B 84 -8.62 7.93 13.64
N ASP B 85 -9.33 6.83 13.91
CA ASP B 85 -8.75 5.48 13.81
C ASP B 85 -8.88 5.06 12.36
N VAL B 86 -7.76 4.85 11.69
CA VAL B 86 -7.80 4.55 10.26
C VAL B 86 -8.47 3.21 9.99
N SER B 87 -8.18 2.22 10.83
CA SER B 87 -8.74 0.89 10.64
C SER B 87 -10.27 0.87 10.75
N SER B 88 -10.83 1.60 11.71
CA SER B 88 -12.28 1.60 11.86
C SER B 88 -12.97 2.76 11.16
N GLY B 89 -12.23 3.79 10.79
CA GLY B 89 -12.78 5.02 10.27
C GLY B 89 -13.50 5.88 11.29
N LYS B 90 -13.49 5.51 12.56
CA LYS B 90 -14.20 6.23 13.60
C LYS B 90 -13.44 7.47 14.09
N CYS B 91 -14.21 8.51 14.41
CA CYS B 91 -13.66 9.69 15.08
C CYS B 91 -13.38 9.37 16.54
N LEU B 92 -12.10 9.36 16.92
CA LEU B 92 -11.73 9.06 18.30
C LEU B 92 -11.95 10.27 19.19
N LYS B 93 -11.59 11.46 18.68
CA LYS B 93 -11.65 12.68 19.50
C LYS B 93 -11.89 13.87 18.59
N THR B 94 -12.67 14.83 19.07
CA THR B 94 -12.76 16.12 18.40
C THR B 94 -12.04 17.16 19.25
N LEU B 95 -11.13 17.90 18.63
CA LEU B 95 -10.31 18.91 19.29
C LEU B 95 -10.96 20.26 19.06
N LYS B 96 -11.57 20.80 20.12
CA LYS B 96 -12.34 22.04 20.10
C LYS B 96 -11.59 23.12 20.84
N GLY B 97 -11.56 24.32 20.26
CA GLY B 97 -10.86 25.44 20.86
C GLY B 97 -10.56 26.58 19.90
N HIS B 98 -10.13 26.28 18.65
CA HIS B 98 -9.95 27.38 17.70
C HIS B 98 -11.27 28.12 17.49
N SER B 99 -11.15 29.41 17.21
CA SER B 99 -12.34 30.25 17.03
C SER B 99 -12.61 30.53 15.54
N ASN B 100 -11.87 29.91 14.64
CA ASN B 100 -12.13 30.05 13.21
C ASN B 100 -11.53 28.81 12.52
N TYR B 101 -11.55 28.82 11.18
CA TYR B 101 -11.13 27.67 10.37
C TYR B 101 -9.77 27.15 10.84
N VAL B 102 -9.66 25.82 10.94
CA VAL B 102 -8.34 25.23 11.19
C VAL B 102 -7.73 24.87 9.85
N PHE B 103 -6.51 25.35 9.59
CA PHE B 103 -5.91 25.22 8.26
C PHE B 103 -4.83 24.14 8.18
N CYS B 104 -4.21 23.75 9.29
CA CYS B 104 -3.03 22.90 9.18
C CYS B 104 -2.87 22.10 10.46
N CYS B 105 -2.24 20.92 10.34
CA CYS B 105 -2.10 20.04 11.49
C CYS B 105 -0.97 19.04 11.31
N ASN B 106 -0.43 18.56 12.41
CA ASN B 106 0.60 17.52 12.33
C ASN B 106 0.72 16.87 13.70
N PHE B 107 1.08 15.59 13.73
CA PHE B 107 1.53 14.93 14.95
C PHE B 107 3.02 15.18 15.19
N ASN B 108 3.46 15.10 16.44
CA ASN B 108 4.90 15.01 16.68
C ASN B 108 5.39 13.58 16.42
N PRO B 109 6.72 13.37 16.36
CA PRO B 109 7.24 12.01 16.12
C PRO B 109 6.77 11.02 17.16
N GLN B 110 6.62 11.48 18.41
CA GLN B 110 6.10 10.64 19.48
C GLN B 110 4.65 10.27 19.25
N SER B 111 3.95 11.11 18.50
CA SER B 111 2.51 11.07 18.26
C SER B 111 1.69 11.13 19.54
N ASN B 112 2.25 11.76 20.60
CA ASN B 112 1.46 12.09 21.77
C ASN B 112 0.88 13.50 21.72
N LEU B 113 1.33 14.34 20.79
CA LEU B 113 0.82 15.70 20.62
C LEU B 113 0.40 15.93 19.18
N ILE B 114 -0.56 16.83 19.02
CA ILE B 114 -0.89 17.41 17.73
C ILE B 114 -0.64 18.90 17.78
N VAL B 115 -0.10 19.45 16.70
CA VAL B 115 -0.03 20.90 16.54
C VAL B 115 -1.00 21.33 15.44
N SER B 116 -1.63 22.48 15.64
CA SER B 116 -2.59 23.00 14.67
C SER B 116 -2.38 24.49 14.48
N GLY B 117 -2.76 24.97 13.30
CA GLY B 117 -2.75 26.40 13.02
C GLY B 117 -4.08 26.78 12.40
N SER B 118 -4.49 28.03 12.67
CA SER B 118 -5.86 28.44 12.32
C SER B 118 -5.89 29.84 11.69
N PHE B 119 -6.99 30.08 10.94
CA PHE B 119 -7.35 31.43 10.54
C PHE B 119 -7.41 32.37 11.75
N ASP B 120 -7.69 31.84 12.95
CA ASP B 120 -7.76 32.66 14.16
C ASP B 120 -6.37 33.18 14.66
N GLU B 121 -5.29 32.89 13.94
CA GLU B 121 -3.94 33.47 14.05
C GLU B 121 -3.18 32.77 15.17
N SER B 122 -3.73 31.72 15.78
CA SER B 122 -3.04 31.01 16.85
C SER B 122 -2.51 29.66 16.38
N VAL B 123 -1.55 29.16 17.14
CA VAL B 123 -1.09 27.78 17.03
C VAL B 123 -1.52 27.09 18.31
N ARG B 124 -2.10 25.90 18.20
CA ARG B 124 -2.50 25.16 19.41
C ARG B 124 -1.75 23.83 19.46
N ILE B 125 -1.47 23.41 20.69
CA ILE B 125 -0.79 22.15 20.96
C ILE B 125 -1.75 21.34 21.80
N TRP B 126 -2.04 20.10 21.35
CA TRP B 126 -3.10 19.26 21.90
C TRP B 126 -2.54 17.94 22.38
N ASP B 127 -3.13 17.45 23.47
CA ASP B 127 -2.85 16.10 23.96
C ASP B 127 -3.70 15.09 23.20
N VAL B 128 -3.04 14.16 22.53
CA VAL B 128 -3.73 13.18 21.70
C VAL B 128 -4.60 12.26 22.55
N LYS B 129 -4.10 11.83 23.70
CA LYS B 129 -4.83 10.85 24.50
C LYS B 129 -6.13 11.42 25.07
N THR B 130 -6.10 12.66 25.56
CA THR B 130 -7.28 13.26 26.17
C THR B 130 -8.07 14.15 25.23
N GLY B 131 -7.45 14.62 24.14
CA GLY B 131 -8.09 15.56 23.26
C GLY B 131 -8.08 16.99 23.77
N LYS B 132 -7.38 17.24 24.86
CA LYS B 132 -7.40 18.54 25.52
C LYS B 132 -6.33 19.46 24.93
N CYS B 133 -6.65 20.75 24.84
CA CYS B 133 -5.67 21.72 24.40
C CYS B 133 -4.71 22.00 25.56
N LEU B 134 -3.43 21.73 25.34
CA LEU B 134 -2.40 22.00 26.35
C LEU B 134 -1.92 23.44 26.28
N LYS B 135 -1.70 23.98 25.07
CA LYS B 135 -1.20 25.36 24.98
C LYS B 135 -1.82 26.06 23.78
N THR B 136 -2.07 27.37 23.93
CA THR B 136 -2.49 28.23 22.84
C THR B 136 -1.42 29.31 22.67
N LEU B 137 -0.78 29.35 21.50
CA LEU B 137 0.30 30.27 21.24
C LEU B 137 -0.23 31.42 20.40
N PRO B 138 -0.07 32.68 20.84
CA PRO B 138 -0.47 33.83 20.01
C PRO B 138 0.59 34.04 18.95
N ALA B 139 0.56 33.14 17.96
CA ALA B 139 1.75 32.92 17.15
C ALA B 139 1.95 33.95 16.06
N HIS B 140 0.85 34.50 15.50
CA HIS B 140 0.93 35.28 14.27
C HIS B 140 -0.14 36.35 14.29
N SER B 141 -0.06 37.26 13.30
CA SER B 141 -1.04 38.36 13.18
C SER B 141 -1.88 38.23 11.91
N ASP B 142 -1.96 37.02 11.36
CA ASP B 142 -2.76 36.67 10.20
C ASP B 142 -2.91 35.16 10.21
N PRO B 143 -3.72 34.58 9.31
CA PRO B 143 -3.93 33.13 9.35
C PRO B 143 -2.62 32.35 9.34
N VAL B 144 -2.60 31.27 10.10
CA VAL B 144 -1.47 30.35 10.16
C VAL B 144 -1.60 29.34 9.04
N SER B 145 -0.61 29.28 8.14
CA SER B 145 -0.71 28.46 6.94
C SER B 145 -0.10 27.07 7.11
N ALA B 146 0.88 26.89 8.00
CA ALA B 146 1.49 25.57 8.17
C ALA B 146 2.06 25.46 9.57
N VAL B 147 2.10 24.21 10.07
CA VAL B 147 2.75 23.88 11.35
C VAL B 147 3.39 22.51 11.23
N HIS B 148 4.57 22.35 11.85
CA HIS B 148 5.33 21.12 11.66
C HIS B 148 6.29 20.95 12.83
N PHE B 149 6.38 19.72 13.37
CA PHE B 149 7.38 19.39 14.37
C PHE B 149 8.69 18.98 13.70
N ASN B 150 9.80 19.25 14.38
CA ASN B 150 11.08 18.76 13.90
C ASN B 150 11.26 17.30 14.30
N ARG B 151 12.46 16.75 13.98
CA ARG B 151 12.59 15.29 13.99
C ARG B 151 12.62 14.68 15.39
N ASP B 152 12.95 15.45 16.44
CA ASP B 152 12.87 14.93 17.80
C ASP B 152 11.68 15.50 18.57
N GLY B 153 10.84 16.29 17.92
CA GLY B 153 9.65 16.81 18.57
C GLY B 153 9.87 18.05 19.42
N SER B 154 11.12 18.48 19.64
CA SER B 154 11.37 19.55 20.58
C SER B 154 11.00 20.92 20.02
N LEU B 155 10.86 21.03 18.69
CA LEU B 155 10.62 22.30 18.03
C LEU B 155 9.38 22.19 17.15
N ILE B 156 8.68 23.31 17.04
CA ILE B 156 7.60 23.50 16.06
C ILE B 156 7.97 24.67 15.17
N VAL B 157 7.75 24.54 13.86
CA VAL B 157 7.84 25.72 12.98
C VAL B 157 6.44 26.04 12.48
N SER B 158 6.14 27.33 12.44
CA SER B 158 4.86 27.82 11.94
C SER B 158 5.09 28.90 10.90
N SER B 159 4.13 29.04 10.00
CA SER B 159 4.18 30.07 8.96
C SER B 159 2.85 30.76 8.90
N SER B 160 2.86 31.98 8.36
CA SER B 160 1.63 32.75 8.30
C SER B 160 1.65 33.72 7.13
N TYR B 161 0.45 34.06 6.67
CA TYR B 161 0.26 35.19 5.76
C TYR B 161 0.80 36.51 6.30
N ASP B 162 1.09 36.57 7.61
CA ASP B 162 1.72 37.81 8.12
C ASP B 162 3.17 37.98 7.65
N GLY B 163 3.70 37.01 6.90
CA GLY B 163 5.04 37.07 6.35
C GLY B 163 6.10 36.45 7.22
N LEU B 164 5.73 35.89 8.38
CA LEU B 164 6.71 35.35 9.32
C LEU B 164 6.74 33.84 9.28
N CYS B 165 7.93 33.31 9.56
CA CYS B 165 8.13 31.93 10.01
C CYS B 165 8.65 32.01 11.42
N ARG B 166 8.06 31.24 12.32
CA ARG B 166 8.52 31.25 13.71
C ARG B 166 8.83 29.84 14.18
N ILE B 167 9.86 29.72 15.01
CA ILE B 167 10.27 28.46 15.61
C ILE B 167 9.98 28.55 17.08
N TRP B 168 9.27 27.53 17.60
CA TRP B 168 8.71 27.47 18.94
C TRP B 168 9.31 26.28 19.69
N ASP B 169 9.59 26.51 20.96
CA ASP B 169 9.96 25.43 21.85
C ASP B 169 8.70 24.69 22.24
N THR B 170 8.61 23.40 21.89
CA THR B 170 7.39 22.64 22.16
C THR B 170 7.04 22.66 23.65
N ALA B 171 8.02 22.39 24.51
CA ALA B 171 7.73 22.14 25.91
C ALA B 171 7.17 23.38 26.59
N SER B 172 7.70 24.56 26.27
CA SER B 172 7.29 25.79 26.93
C SER B 172 6.31 26.62 26.12
N GLY B 173 6.24 26.38 24.81
CA GLY B 173 5.46 27.23 23.93
C GLY B 173 6.08 28.57 23.61
N GLN B 174 7.30 28.85 24.08
CA GLN B 174 7.91 30.15 23.85
C GLN B 174 8.63 30.19 22.49
N CYS B 175 8.72 31.36 21.90
CA CYS B 175 9.36 31.52 20.60
C CYS B 175 10.87 31.50 20.71
N LEU B 176 11.50 30.66 19.91
CA LEU B 176 12.96 30.60 19.85
C LEU B 176 13.51 31.52 18.79
N LYS B 177 12.78 31.70 17.69
CA LYS B 177 13.36 32.43 16.57
C LYS B 177 12.26 32.89 15.65
N THR B 178 12.46 34.04 15.03
CA THR B 178 11.53 34.55 14.02
C THR B 178 12.36 34.81 12.76
N LEU B 179 11.95 34.26 11.62
CA LEU B 179 12.67 34.49 10.37
C LEU B 179 11.90 35.59 9.64
N ILE B 180 12.59 36.70 9.36
CA ILE B 180 11.98 37.82 8.67
C ILE B 180 12.53 37.96 7.25
N ASN B 184 8.50 40.81 3.36
CA ASN B 184 7.55 39.87 4.00
C ASN B 184 6.36 39.58 3.09
N PRO B 185 6.59 38.87 1.98
CA PRO B 185 5.46 38.25 1.29
C PRO B 185 4.79 37.22 2.21
N PRO B 186 3.49 36.99 2.03
CA PRO B 186 2.82 35.95 2.84
C PRO B 186 3.56 34.61 2.73
N VAL B 187 3.72 33.94 3.85
CA VAL B 187 4.32 32.60 3.88
C VAL B 187 3.17 31.60 3.88
N SER B 188 3.12 30.76 2.86
CA SER B 188 1.99 29.89 2.64
C SER B 188 2.28 28.44 3.02
N PHE B 189 3.53 28.11 3.35
CA PHE B 189 3.84 26.74 3.76
C PHE B 189 5.21 26.74 4.39
N VAL B 190 5.42 25.87 5.37
CA VAL B 190 6.75 25.65 5.93
C VAL B 190 6.83 24.23 6.46
N LYS B 191 8.06 23.69 6.47
CA LYS B 191 8.33 22.44 7.17
C LYS B 191 9.83 22.31 7.39
N PHE B 192 10.20 21.56 8.43
CA PHE B 192 11.58 21.19 8.68
C PHE B 192 12.08 20.20 7.63
N SER B 193 13.39 20.29 7.35
CA SER B 193 14.06 19.34 6.48
C SER B 193 14.19 17.98 7.17
N PRO B 194 14.43 16.93 6.39
CA PRO B 194 14.68 15.60 6.99
C PRO B 194 15.74 15.59 8.08
N ASN B 195 16.83 16.34 7.93
CA ASN B 195 17.87 16.27 8.94
C ASN B 195 17.65 17.27 10.06
N GLY B 196 16.53 18.01 10.03
CA GLY B 196 16.17 18.90 11.11
C GLY B 196 16.94 20.20 11.15
N LYS B 197 17.87 20.44 10.23
CA LYS B 197 18.68 21.65 10.28
C LYS B 197 18.12 22.79 9.46
N TYR B 198 17.25 22.48 8.50
CA TYR B 198 16.76 23.47 7.55
C TYR B 198 15.25 23.55 7.62
N ILE B 199 14.73 24.66 7.12
CA ILE B 199 13.31 24.86 7.00
C ILE B 199 13.03 25.25 5.56
N LEU B 200 12.03 24.62 4.95
CA LEU B 200 11.64 24.90 3.58
C LEU B 200 10.35 25.69 3.65
N ALA B 201 10.34 26.87 3.03
CA ALA B 201 9.20 27.79 3.15
C ALA B 201 8.74 28.27 1.79
N ALA B 202 7.43 28.25 1.55
CA ALA B 202 6.83 28.81 0.33
C ALA B 202 6.28 30.19 0.64
N THR B 203 6.47 31.11 -0.29
CA THR B 203 5.86 32.44 -0.15
C THR B 203 5.04 32.73 -1.40
N LEU B 204 4.03 33.62 -1.25
CA LEU B 204 3.08 33.86 -2.35
C LEU B 204 3.59 34.86 -3.36
N ASP B 205 4.87 34.73 -3.68
CA ASP B 205 5.55 35.46 -4.73
C ASP B 205 6.29 34.45 -5.62
N ASN B 206 5.72 33.25 -5.79
CA ASN B 206 6.28 32.26 -6.70
C ASN B 206 7.67 31.80 -6.28
N THR B 207 7.89 31.69 -4.96
CA THR B 207 9.22 31.33 -4.47
C THR B 207 9.19 30.30 -3.36
N LEU B 208 10.09 29.32 -3.43
CA LEU B 208 10.40 28.44 -2.31
C LEU B 208 11.81 28.78 -1.82
N LYS B 209 12.02 28.74 -0.51
CA LYS B 209 13.34 29.01 0.06
C LYS B 209 13.72 27.96 1.09
N LEU B 210 14.99 27.57 1.07
CA LEU B 210 15.57 26.70 2.10
C LEU B 210 16.41 27.57 3.03
N TRP B 211 16.01 27.61 4.30
CA TRP B 211 16.61 28.42 5.36
C TRP B 211 17.42 27.54 6.29
N ASP B 212 18.62 28.00 6.65
CA ASP B 212 19.38 27.43 7.75
C ASP B 212 18.74 27.96 9.02
N TYR B 213 18.17 27.05 9.80
CA TYR B 213 17.46 27.48 11.00
C TYR B 213 18.43 28.08 12.01
N SER B 214 19.59 27.43 12.21
CA SER B 214 20.54 27.92 13.21
C SER B 214 21.00 29.35 12.88
N LYS B 215 21.46 29.58 11.65
CA LYS B 215 22.03 30.87 11.27
C LYS B 215 20.99 31.89 10.81
N GLY B 216 19.72 31.50 10.67
CA GLY B 216 18.71 32.43 10.19
C GLY B 216 18.98 32.98 8.81
N LYS B 217 19.52 32.17 7.91
CA LYS B 217 20.00 32.59 6.60
C LYS B 217 19.37 31.72 5.50
N CYS B 218 19.07 32.34 4.36
CA CYS B 218 18.54 31.62 3.23
C CYS B 218 19.69 30.99 2.46
N LEU B 219 19.62 29.66 2.29
CA LEU B 219 20.64 28.89 1.59
C LEU B 219 20.30 28.61 0.13
N LYS B 220 19.03 28.39 -0.18
CA LYS B 220 18.65 28.06 -1.56
C LYS B 220 17.32 28.71 -1.89
N THR B 221 17.12 29.09 -3.15
CA THR B 221 15.85 29.60 -3.64
C THR B 221 15.44 28.80 -4.86
N TYR B 222 14.17 28.40 -4.91
CA TYR B 222 13.62 27.59 -6.00
C TYR B 222 12.47 28.36 -6.64
N THR B 223 12.60 28.60 -7.95
CA THR B 223 11.65 29.41 -8.69
C THR B 223 11.34 28.75 -10.02
N GLY B 224 10.41 29.36 -10.74
CA GLY B 224 9.97 28.87 -12.03
C GLY B 224 8.53 28.43 -12.06
N HIS B 225 7.96 28.14 -10.89
CA HIS B 225 6.57 27.73 -10.79
C HIS B 225 5.70 28.95 -10.51
N LYS B 226 4.40 28.71 -10.34
CA LYS B 226 3.42 29.77 -10.09
C LYS B 226 2.77 29.55 -8.73
N ASN B 227 2.91 30.52 -7.84
CA ASN B 227 2.26 30.39 -6.54
C ASN B 227 2.09 31.80 -5.97
N GLU B 228 0.93 32.40 -6.25
CA GLU B 228 0.58 33.72 -5.73
C GLU B 228 -0.70 33.70 -4.90
N LYS B 229 -1.38 32.55 -4.80
CA LYS B 229 -2.70 32.56 -4.16
C LYS B 229 -2.91 31.44 -3.14
N TYR B 230 -2.53 30.21 -3.48
CA TYR B 230 -2.94 29.07 -2.68
C TYR B 230 -1.84 28.59 -1.74
N CYS B 231 -2.28 27.96 -0.66
CA CYS B 231 -1.33 27.26 0.21
C CYS B 231 -0.98 25.93 -0.45
N ILE B 232 0.19 25.88 -1.07
CA ILE B 232 0.66 24.73 -1.83
C ILE B 232 1.79 24.09 -1.05
N PHE B 233 1.62 22.83 -0.71
CA PHE B 233 2.64 22.10 0.03
C PHE B 233 3.92 21.98 -0.81
N ALA B 234 5.02 21.84 -0.11
CA ALA B 234 6.27 21.47 -0.76
C ALA B 234 6.90 20.33 0.02
N ASN B 235 7.71 19.55 -0.67
CA ASN B 235 8.24 18.32 -0.12
C ASN B 235 9.73 18.16 -0.39
N PHE B 236 10.39 17.44 0.51
CA PHE B 236 11.72 16.85 0.26
C PHE B 236 11.52 15.44 -0.25
N SER B 237 12.17 15.09 -1.37
CA SER B 237 12.10 13.74 -1.92
C SER B 237 13.42 13.06 -1.54
N VAL B 238 13.33 12.02 -0.68
CA VAL B 238 14.48 11.42 -0.01
C VAL B 238 14.74 9.97 -0.39
N THR B 239 13.97 9.41 -1.32
CA THR B 239 14.13 7.99 -1.67
C THR B 239 15.13 7.77 -2.79
N GLY B 240 15.29 8.71 -3.71
CA GLY B 240 16.18 8.60 -4.84
C GLY B 240 17.08 9.82 -4.91
N GLY B 241 17.08 10.55 -6.03
CA GLY B 241 17.80 11.81 -6.06
C GLY B 241 17.23 12.81 -5.06
N LYS B 242 18.05 13.74 -4.62
CA LYS B 242 17.60 14.71 -3.60
C LYS B 242 16.83 15.81 -4.30
N TRP B 243 15.49 15.76 -4.20
CA TRP B 243 14.70 16.75 -4.93
C TRP B 243 13.85 17.57 -3.99
N ILE B 244 13.45 18.74 -4.46
CA ILE B 244 12.33 19.48 -3.88
C ILE B 244 11.15 19.31 -4.82
N VAL B 245 9.97 19.06 -4.27
CA VAL B 245 8.76 18.83 -5.09
C VAL B 245 7.66 19.76 -4.63
N SER B 246 6.95 20.36 -5.59
CA SER B 246 5.85 21.26 -5.25
C SER B 246 4.80 21.26 -6.34
N GLY B 247 3.53 21.45 -5.97
CA GLY B 247 2.53 21.83 -6.95
C GLY B 247 2.70 23.28 -7.40
N SER B 248 1.77 23.71 -8.24
CA SER B 248 1.87 25.00 -8.90
C SER B 248 0.52 25.41 -9.46
N GLU B 249 0.31 26.72 -9.57
CA GLU B 249 -0.94 27.27 -10.06
C GLU B 249 -1.07 27.24 -11.58
N ASP B 250 -0.06 26.73 -12.29
CA ASP B 250 -0.15 26.43 -13.71
C ASP B 250 -0.46 24.97 -13.98
N ASN B 251 -0.94 24.24 -12.97
CA ASN B 251 -1.46 22.87 -13.09
C ASN B 251 -0.36 21.81 -13.23
N LEU B 252 0.88 22.15 -12.96
CA LEU B 252 2.02 21.22 -13.06
C LEU B 252 2.61 20.89 -11.69
N VAL B 253 3.22 19.70 -11.60
CA VAL B 253 4.10 19.39 -10.48
C VAL B 253 5.52 19.78 -10.88
N TYR B 254 6.22 20.55 -10.04
CA TYR B 254 7.60 20.93 -10.28
C TYR B 254 8.54 20.11 -9.40
N ILE B 255 9.66 19.71 -9.98
CA ILE B 255 10.71 18.98 -9.27
C ILE B 255 12.03 19.70 -9.53
N TRP B 256 12.70 20.12 -8.43
CA TRP B 256 13.98 20.81 -8.50
C TRP B 256 15.10 19.96 -7.89
N ASN B 257 16.29 20.13 -8.43
CA ASN B 257 17.51 19.66 -7.77
C ASN B 257 17.77 20.47 -6.49
N LEU B 258 17.85 19.77 -5.36
CA LEU B 258 18.03 20.40 -4.04
C LEU B 258 19.23 21.36 -4.02
N GLN B 259 20.36 20.93 -4.56
CA GLN B 259 21.60 21.70 -4.45
C GLN B 259 21.69 22.79 -5.51
N THR B 260 21.34 22.47 -6.74
CA THR B 260 21.61 23.43 -7.80
C THR B 260 20.42 24.32 -8.10
N LYS B 261 19.23 23.97 -7.62
CA LYS B 261 17.98 24.70 -7.81
C LYS B 261 17.47 24.66 -9.25
N GLU B 262 18.04 23.82 -10.10
CA GLU B 262 17.50 23.61 -11.45
C GLU B 262 16.21 22.83 -11.41
N ILE B 263 15.28 23.17 -12.32
CA ILE B 263 14.09 22.34 -12.49
C ILE B 263 14.48 21.10 -13.29
N VAL B 264 14.30 19.94 -12.69
CA VAL B 264 14.66 18.70 -13.37
C VAL B 264 13.48 18.00 -13.98
N GLN B 265 12.26 18.30 -13.53
CA GLN B 265 11.11 17.69 -14.21
C GLN B 265 9.86 18.53 -13.91
N LYS B 266 8.93 18.54 -14.86
CA LYS B 266 7.60 19.10 -14.67
C LYS B 266 6.59 18.05 -15.09
N LEU B 267 5.63 17.75 -14.23
CA LEU B 267 4.66 16.69 -14.49
C LEU B 267 3.35 17.30 -14.92
N GLN B 268 2.86 16.85 -16.08
CA GLN B 268 1.69 17.42 -16.73
C GLN B 268 0.53 16.42 -16.73
N GLY B 269 -0.66 16.89 -16.43
CA GLY B 269 -1.80 15.99 -16.40
C GLY B 269 -3.00 16.60 -15.71
N HIS B 270 -2.77 17.32 -14.61
CA HIS B 270 -3.88 17.92 -13.91
C HIS B 270 -4.50 19.04 -14.73
N THR B 271 -5.76 19.36 -14.42
CA THR B 271 -6.53 20.36 -15.16
C THR B 271 -6.97 21.50 -14.23
N ASP B 272 -6.37 21.58 -13.06
CA ASP B 272 -6.54 22.72 -12.18
C ASP B 272 -5.28 22.81 -11.35
N VAL B 273 -5.24 23.83 -10.49
CA VAL B 273 -4.11 24.08 -9.61
C VAL B 273 -3.74 22.84 -8.86
N VAL B 274 -2.45 22.52 -8.84
CA VAL B 274 -1.97 21.38 -8.06
C VAL B 274 -1.67 21.94 -6.67
N ILE B 275 -2.62 21.77 -5.75
CA ILE B 275 -2.49 22.32 -4.42
C ILE B 275 -1.69 21.43 -3.52
N SER B 276 -1.59 20.13 -3.80
CA SER B 276 -0.84 19.34 -2.83
C SER B 276 -0.09 18.23 -3.52
N THR B 277 1.08 17.94 -2.97
CA THR B 277 1.93 16.85 -3.42
C THR B 277 2.48 16.18 -2.18
N ALA B 278 2.80 14.90 -2.32
CA ALA B 278 3.45 14.15 -1.25
C ALA B 278 4.44 13.21 -1.90
N CYS B 279 5.51 12.90 -1.16
CA CYS B 279 6.53 11.96 -1.62
C CYS B 279 6.50 10.70 -0.76
N HIS B 280 6.48 9.55 -1.40
CA HIS B 280 6.38 8.30 -0.67
C HIS B 280 7.63 8.04 0.17
N PRO B 281 7.50 7.40 1.35
CA PRO B 281 8.66 7.29 2.26
C PRO B 281 9.73 6.32 1.80
N THR B 282 9.42 5.36 0.94
CA THR B 282 10.46 4.38 0.59
C THR B 282 10.59 4.17 -0.92
N GLU B 283 9.53 4.38 -1.70
CA GLU B 283 9.60 4.26 -3.15
C GLU B 283 9.61 5.64 -3.80
N ASN B 284 10.14 5.69 -5.04
CA ASN B 284 10.14 6.93 -5.83
C ASN B 284 8.75 7.12 -6.44
N ILE B 285 7.82 7.59 -5.60
CA ILE B 285 6.43 7.78 -5.96
C ILE B 285 6.01 9.16 -5.47
N ILE B 286 5.35 9.93 -6.34
CA ILE B 286 4.76 11.21 -5.95
C ILE B 286 3.25 11.11 -6.08
N ALA B 287 2.53 11.62 -5.08
CA ALA B 287 1.09 11.86 -5.22
C ALA B 287 0.85 13.35 -5.40
N SER B 288 -0.09 13.68 -6.28
CA SER B 288 -0.47 15.08 -6.52
C SER B 288 -1.97 15.18 -6.54
N ALA B 289 -2.49 16.34 -6.15
CA ALA B 289 -3.94 16.52 -6.15
C ALA B 289 -4.28 17.97 -6.46
N ALA B 290 -5.48 18.17 -7.02
CA ALA B 290 -5.83 19.46 -7.60
C ALA B 290 -7.17 19.99 -7.11
N LEU B 291 -7.42 21.24 -7.48
CA LEU B 291 -8.59 21.99 -7.04
C LEU B 291 -9.83 21.54 -7.83
N GLU B 292 -10.94 22.29 -7.70
CA GLU B 292 -12.27 21.75 -7.98
C GLU B 292 -12.58 21.54 -9.47
N ASN B 293 -11.81 22.10 -10.40
CA ASN B 293 -12.03 21.76 -11.81
C ASN B 293 -11.57 20.34 -12.14
N ASP B 294 -10.71 19.78 -11.31
CA ASP B 294 -10.07 18.47 -11.51
C ASP B 294 -10.53 17.48 -10.47
N LYS B 295 -10.28 17.76 -9.18
CA LYS B 295 -10.75 16.95 -8.05
C LYS B 295 -10.11 15.57 -8.01
N THR B 296 -9.12 15.27 -8.86
CA THR B 296 -8.51 13.95 -8.82
C THR B 296 -7.15 13.99 -8.12
N ILE B 297 -6.66 12.79 -7.81
CA ILE B 297 -5.34 12.54 -7.28
C ILE B 297 -4.59 11.72 -8.31
N LYS B 298 -3.33 12.03 -8.54
CA LYS B 298 -2.52 11.28 -9.49
C LYS B 298 -1.29 10.70 -8.80
N LEU B 299 -0.94 9.47 -9.17
CA LEU B 299 0.21 8.79 -8.62
C LEU B 299 1.24 8.64 -9.73
N TRP B 300 2.46 9.11 -9.51
CA TRP B 300 3.52 9.14 -10.50
C TRP B 300 4.69 8.34 -9.97
N LYS B 301 5.38 7.58 -10.83
CA LYS B 301 6.50 6.76 -10.38
C LYS B 301 7.72 6.99 -11.25
N SER B 302 8.90 6.97 -10.61
CA SER B 302 10.17 7.23 -11.26
C SER B 302 11.11 6.06 -11.02
N ASP B 303 12.08 5.88 -11.92
CA ASP B 303 13.15 4.91 -11.68
C ASP B 303 14.24 5.44 -10.76
N CYS B 304 14.28 6.74 -10.49
CA CYS B 304 15.36 7.28 -9.67
C CYS B 304 14.89 8.54 -8.94
C10 Q8S C . -10.51 -14.24 13.39
C13 Q8S C . -11.84 -12.31 13.97
C15 Q8S C . -14.26 -10.80 11.33
C01 Q8S C . -12.52 -11.15 4.75
C02 Q8S C . -12.04 -12.30 5.34
C03 Q8S C . -11.08 -12.23 6.33
C04 Q8S C . -10.58 -11.00 6.78
C05 Q8S C . -11.07 -9.83 6.18
C06 Q8S C . -12.04 -9.93 5.18
C07 Q8S C . -10.73 -11.64 11.01
C08 Q8S C . -10.89 -10.64 10.12
C09 Q8S C . -12.79 -10.90 10.98
C11 Q8S C . -11.63 -14.16 12.35
C12 Q8S C . -12.33 -12.81 12.60
C14 Q8S C . -10.99 -13.42 14.58
N01 Q8S C . -9.94 -10.03 9.31
N02 Q8S C . -11.95 -11.83 11.56
N03 Q8S C . -12.17 -10.16 10.11
O01 Q8S C . -10.59 -8.62 6.62
O02 Q8S C . -9.07 -12.25 8.51
O03 Q8S C . -8.23 -10.16 7.53
S01 Q8S C . -9.33 -10.94 8.05
BR1 Q8S C . -12.67 -13.98 4.75
CL1 Q8S C . -12.66 -8.52 4.40
C10 Q8S D . 21.29 23.06 1.42
C13 Q8S D . 23.21 21.64 1.66
C15 Q8S D . 23.05 18.04 0.47
C01 Q8S D . 16.96 14.63 1.16
C02 Q8S D . 16.66 15.95 0.86
C03 Q8S D . 17.07 16.95 1.74
C04 Q8S D . 17.76 16.64 2.92
C05 Q8S D . 18.05 15.31 3.21
C06 Q8S D . 17.64 14.30 2.32
C07 Q8S D . 20.76 19.70 2.75
C08 Q8S D . 20.66 18.40 3.13
C09 Q8S D . 22.05 18.40 1.54
C11 Q8S D . 20.95 21.81 0.62
C12 Q8S D . 22.12 20.84 0.91
C14 Q8S D . 22.42 22.70 2.39
N01 Q8S D . 19.92 17.84 4.15
N02 Q8S D . 21.66 19.70 1.73
N03 Q8S D . 21.47 17.60 2.39
O01 Q8S D . 18.73 15.01 4.37
O02 Q8S D . 17.88 19.19 3.48
O03 Q8S D . 17.75 17.52 5.31
S01 Q8S D . 18.25 17.93 4.04
BR1 Q8S D . 15.73 16.44 -0.69
CL1 Q8S D . 17.94 12.63 2.59
#